data_2EPL
#
_entry.id   2EPL
#
_cell.length_a   123.561
_cell.length_b   124.535
_cell.length_c   147.793
_cell.angle_alpha   90.00
_cell.angle_beta   90.00
_cell.angle_gamma   90.00
#
_symmetry.space_group_name_H-M   'I 2 2 2'
#
loop_
_entity.id
_entity.type
_entity.pdbx_description
1 polymer N-acetyl-beta-D-glucosaminidase
2 non-polymer 'SULFATE ION'
3 non-polymer GLYCEROL
4 water water
#
_entity_poly.entity_id   1
_entity_poly.type   'polypeptide(L)'
_entity_poly.pdbx_seq_one_letter_code
;MATFLGLSSKQEKALVRLDKYLNLGEIAVSLVTDSATSIKVEGRQGYYQVSYKQPHQLYRALALLSAALRSGQDEVQIEE
EAAYEDLAYMADCSRNAVLNLSSAKKMIEVLALMGYSTFELYMEDTYEIENQPYFGYFRGRYTVAELQEIEDYAADFDMS
FVPCIQTLAHLSAFVKWGIKEVQELRDVEDILLIGEEKVYDLIEGMFQTMAHLHTRKINIGMDEAHLVGLGRYLIKHGFQ
NRSLLMCQHLERVLDIADKYGFNCQMWSDMFFKLMSADGQYDRDVEIPEETRVYLDRLKERVTLVYWDYYQDSEEKYNRN
FQNHHKISQDIAFAGGAWKWIGFTPHNHFSRLVAIEANKACRKNQVKEVIVTGWGDNGGETSQFSVLPALQIWAELAYRN
DLKKVSEHFLVSTGLDFDDFMKIDLANLLPDLPDNLSGINPNRYVLYQDVLCPLLEQHIRPEKDKQHFASSAQQLGEISK
RAGEYAYIFETQAQLNALLALKISITSGIQKAYRNGDKEHLSALAEKDFPQLYQMVEDFSDQFSRQWQQENKIFGLDTID
IRFGGLLKRIKRAQERLEQFISGQIDCVEELEQEILPFNDFYKDQGLTATTANQWHLIATASTIYTT
;
_entity_poly.pdbx_strand_id   X
#
loop_
_chem_comp.id
_chem_comp.type
_chem_comp.name
_chem_comp.formula
GOL non-polymer GLYCEROL 'C3 H8 O3'
SO4 non-polymer 'SULFATE ION' 'O4 S -2'
#
# COMPACT_ATOMS: atom_id res chain seq x y z
N ALA A 2 6.31 -9.81 -34.09
CA ALA A 2 6.28 -8.51 -34.80
C ALA A 2 7.69 -8.05 -35.12
N THR A 3 7.80 -7.22 -36.16
CA THR A 3 9.06 -6.57 -36.49
C THR A 3 8.87 -5.05 -36.42
N PHE A 4 9.98 -4.35 -36.22
CA PHE A 4 9.95 -2.92 -35.92
C PHE A 4 10.97 -2.13 -36.72
N LEU A 5 10.56 -0.92 -37.13
CA LEU A 5 11.46 0.08 -37.67
C LEU A 5 11.42 1.29 -36.74
N GLY A 6 12.58 1.79 -36.40
CA GLY A 6 12.70 3.02 -35.60
C GLY A 6 13.12 2.78 -34.14
N LEU A 7 13.39 1.53 -33.77
CA LEU A 7 13.76 1.22 -32.36
C LEU A 7 15.21 1.57 -32.04
N SER A 8 15.44 2.06 -30.83
CA SER A 8 16.80 2.10 -30.30
C SER A 8 17.18 0.73 -29.70
N SER A 9 18.47 0.51 -29.41
CA SER A 9 18.87 -0.77 -28.82
C SER A 9 18.21 -0.95 -27.44
N LYS A 10 18.02 0.15 -26.74
CA LYS A 10 17.35 0.13 -25.45
C LYS A 10 15.90 -0.35 -25.55
N GLN A 11 15.19 0.19 -26.53
CA GLN A 11 13.82 -0.26 -26.79
C GLN A 11 13.76 -1.71 -27.23
N GLU A 12 14.73 -2.15 -28.02
CA GLU A 12 14.82 -3.56 -28.40
C GLU A 12 14.87 -4.49 -27.18
N LYS A 13 15.72 -4.13 -26.23
CA LYS A 13 15.88 -4.95 -25.03
C LYS A 13 14.61 -4.97 -24.18
N ALA A 14 13.94 -3.82 -24.08
CA ALA A 14 12.66 -3.73 -23.37
C ALA A 14 11.60 -4.58 -24.01
N LEU A 15 11.52 -4.56 -25.34
CA LEU A 15 10.54 -5.39 -26.01
C LEU A 15 10.80 -6.88 -25.86
N VAL A 16 12.08 -7.28 -25.73
CA VAL A 16 12.40 -8.67 -25.40
C VAL A 16 11.82 -9.01 -24.02
N ARG A 17 11.98 -8.10 -23.07
CA ARG A 17 11.44 -8.32 -21.72
C ARG A 17 9.91 -8.35 -21.69
N LEU A 18 9.27 -7.58 -22.54
CA LEU A 18 7.80 -7.46 -22.57
C LEU A 18 7.11 -8.42 -23.54
N ASP A 19 7.90 -9.25 -24.20
CA ASP A 19 7.37 -10.11 -25.26
C ASP A 19 6.22 -10.99 -24.76
N LYS A 20 6.40 -11.57 -23.56
CA LYS A 20 5.40 -12.44 -22.96
C LYS A 20 4.05 -11.76 -22.64
N TYR A 21 4.03 -10.43 -22.52
CA TYR A 21 2.81 -9.69 -22.27
C TYR A 21 2.11 -9.27 -23.57
N LEU A 22 2.90 -8.87 -24.54
CA LEU A 22 2.38 -8.35 -25.81
C LEU A 22 2.10 -9.51 -26.76
N ASN A 23 1.03 -9.40 -27.54
CA ASN A 23 0.67 -10.51 -28.43
C ASN A 23 0.49 -9.97 -29.82
N LEU A 24 1.57 -9.42 -30.34
CA LEU A 24 1.50 -8.63 -31.54
C LEU A 24 1.43 -9.46 -32.79
N GLY A 25 1.90 -10.69 -32.73
CA GLY A 25 1.88 -11.58 -33.87
C GLY A 25 2.78 -11.06 -34.98
N GLU A 26 2.48 -11.46 -36.20
CA GLU A 26 3.31 -11.14 -37.35
C GLU A 26 2.82 -9.85 -37.98
N ILE A 27 3.08 -8.75 -37.30
CA ILE A 27 2.78 -7.44 -37.84
C ILE A 27 4.08 -6.65 -37.93
N ALA A 28 4.01 -5.51 -38.60
CA ALA A 28 5.12 -4.58 -38.75
C ALA A 28 4.73 -3.24 -38.15
N VAL A 29 5.59 -2.73 -37.29
CA VAL A 29 5.34 -1.49 -36.57
C VAL A 29 6.47 -0.52 -36.85
N SER A 30 6.13 0.73 -37.15
CA SER A 30 7.10 1.82 -37.26
C SER A 30 6.88 2.86 -36.17
N LEU A 31 7.98 3.40 -35.66
CA LEU A 31 7.89 4.35 -34.54
C LEU A 31 8.16 5.77 -34.97
N VAL A 32 7.45 6.71 -34.35
CA VAL A 32 7.74 8.13 -34.48
C VAL A 32 7.66 8.81 -33.11
N THR A 33 8.57 9.73 -32.84
CA THR A 33 8.43 10.61 -31.67
C THR A 33 7.70 11.89 -32.06
N ASP A 34 6.63 12.22 -31.33
CA ASP A 34 5.78 13.38 -31.66
C ASP A 34 5.12 13.97 -30.41
N SER A 35 5.33 15.28 -30.20
CA SER A 35 4.80 15.94 -29.01
C SER A 35 3.35 16.41 -29.14
N ALA A 36 2.75 16.22 -30.32
CA ALA A 36 1.38 16.69 -30.55
C ALA A 36 0.36 15.98 -29.65
N THR A 37 0.51 14.66 -29.47
CA THR A 37 -0.31 13.94 -28.48
C THR A 37 0.52 12.86 -27.79
N SER A 38 0.10 12.47 -26.59
CA SER A 38 0.86 11.49 -25.83
C SER A 38 1.10 10.19 -26.58
N ILE A 39 0.04 9.59 -27.12
CA ILE A 39 0.12 8.34 -27.84
C ILE A 39 -0.76 8.42 -29.07
N LYS A 40 -0.28 7.86 -30.17
CA LYS A 40 -1.11 7.63 -31.35
C LYS A 40 -0.74 6.25 -31.88
N VAL A 41 -1.75 5.46 -32.22
CA VAL A 41 -1.53 4.17 -32.87
C VAL A 41 -2.46 4.14 -34.08
N GLU A 42 -1.90 3.98 -35.27
CA GLU A 42 -2.68 4.03 -36.51
C GLU A 42 -2.17 2.98 -37.47
N GLY A 43 -3.07 2.24 -38.09
CA GLY A 43 -2.67 1.40 -39.21
C GLY A 43 -3.72 0.39 -39.57
N ARG A 44 -3.34 -0.50 -40.47
CA ARG A 44 -4.23 -1.53 -40.99
C ARG A 44 -3.42 -2.60 -41.70
N GLN A 45 -4.00 -3.78 -41.80
CA GLN A 45 -3.50 -4.88 -42.63
C GLN A 45 -2.05 -5.24 -42.38
N GLY A 46 -1.69 -5.30 -41.10
CA GLY A 46 -0.39 -5.78 -40.67
C GLY A 46 0.68 -4.72 -40.53
N TYR A 47 0.35 -3.46 -40.85
CA TYR A 47 1.31 -2.35 -40.81
C TYR A 47 0.76 -1.23 -39.96
N TYR A 48 1.47 -0.92 -38.86
CA TYR A 48 1.01 0.09 -37.91
C TYR A 48 2.12 1.08 -37.59
N GLN A 49 1.74 2.33 -37.31
CA GLN A 49 2.66 3.35 -36.86
C GLN A 49 2.28 3.70 -35.42
N VAL A 50 3.28 3.73 -34.56
CA VAL A 50 3.10 4.10 -33.17
C VAL A 50 3.88 5.38 -32.92
N SER A 51 3.21 6.39 -32.38
CA SER A 51 3.92 7.60 -31.97
CA SER A 51 3.82 7.66 -32.00
C SER A 51 3.71 7.84 -30.49
N TYR A 52 4.74 8.40 -29.87
CA TYR A 52 4.72 8.68 -28.44
C TYR A 52 5.41 10.00 -28.18
N LYS A 53 5.01 10.67 -27.11
CA LYS A 53 5.59 11.95 -26.73
C LYS A 53 6.78 11.72 -25.79
N GLN A 54 6.52 11.01 -24.69
CA GLN A 54 7.58 10.60 -23.78
C GLN A 54 7.99 9.16 -24.09
N PRO A 55 9.30 8.86 -24.08
CA PRO A 55 9.76 7.51 -24.41
C PRO A 55 9.06 6.36 -23.69
N HIS A 56 8.79 6.47 -22.38
CA HIS A 56 8.13 5.36 -21.70
C HIS A 56 6.75 5.05 -22.25
N GLN A 57 6.12 6.03 -22.89
CA GLN A 57 4.75 5.86 -23.41
C GLN A 57 4.69 4.91 -24.59
N LEU A 58 5.85 4.59 -25.15
CA LEU A 58 5.94 3.51 -26.13
C LEU A 58 5.29 2.22 -25.64
N TYR A 59 5.52 1.91 -24.36
CA TYR A 59 5.08 0.62 -23.85
C TYR A 59 3.58 0.55 -23.63
N ARG A 60 2.96 1.64 -23.17
CA ARG A 60 1.50 1.67 -23.15
C ARG A 60 0.96 1.64 -24.59
N ALA A 61 1.59 2.38 -25.48
CA ALA A 61 1.10 2.38 -26.88
C ALA A 61 1.05 0.98 -27.46
N LEU A 62 2.11 0.20 -27.23
CA LEU A 62 2.13 -1.17 -27.70
C LEU A 62 1.12 -2.08 -27.00
N ALA A 63 0.84 -1.82 -25.72
CA ALA A 63 -0.26 -2.54 -25.06
C ALA A 63 -1.61 -2.22 -25.69
N LEU A 64 -1.83 -0.96 -26.06
CA LEU A 64 -3.06 -0.53 -26.71
C LEU A 64 -3.23 -1.24 -28.07
N LEU A 65 -2.13 -1.32 -28.81
CA LEU A 65 -2.15 -2.05 -30.10
C LEU A 65 -2.43 -3.53 -29.88
N SER A 66 -1.73 -4.13 -28.92
CA SER A 66 -1.93 -5.54 -28.60
C SER A 66 -3.40 -5.81 -28.30
N ALA A 67 -4.01 -4.96 -27.48
CA ALA A 67 -5.43 -5.09 -27.13
C ALA A 67 -6.39 -4.88 -28.31
N ALA A 68 -6.11 -3.88 -29.14
CA ALA A 68 -6.97 -3.60 -30.29
C ALA A 68 -6.96 -4.79 -31.27
N LEU A 69 -5.80 -5.39 -31.45
CA LEU A 69 -5.66 -6.56 -32.33
C LEU A 69 -6.30 -7.83 -31.77
N ARG A 70 -6.22 -8.00 -30.45
CA ARG A 70 -6.90 -9.11 -29.79
C ARG A 70 -8.42 -8.97 -29.89
N SER A 71 -8.90 -7.74 -29.74
CA SER A 71 -10.33 -7.45 -29.88
C SER A 71 -10.82 -7.67 -31.32
N GLY A 72 -9.91 -7.98 -32.23
CA GLY A 72 -10.26 -8.40 -33.59
C GLY A 72 -10.13 -7.30 -34.62
N GLN A 73 -9.61 -6.14 -34.21
CA GLN A 73 -9.46 -5.03 -35.13
C GLN A 73 -8.36 -5.36 -36.13
N ASP A 74 -8.56 -4.98 -37.38
CA ASP A 74 -7.46 -4.88 -38.31
C ASP A 74 -7.06 -3.42 -38.41
N GLU A 75 -8.05 -2.59 -38.73
CA GLU A 75 -7.93 -1.15 -38.75
C GLU A 75 -7.84 -0.63 -37.31
N VAL A 76 -6.79 0.15 -37.04
CA VAL A 76 -6.58 0.73 -35.70
C VAL A 76 -6.41 2.23 -35.82
N GLN A 77 -7.12 2.97 -34.97
CA GLN A 77 -6.99 4.41 -34.91
C GLN A 77 -7.22 4.86 -33.47
N ILE A 78 -6.11 4.99 -32.74
CA ILE A 78 -6.15 5.35 -31.31
C ILE A 78 -5.30 6.59 -31.07
N GLU A 79 -5.82 7.52 -30.27
CA GLU A 79 -5.09 8.70 -29.86
C GLU A 79 -5.41 8.98 -28.39
N GLU A 80 -4.37 9.21 -27.59
CA GLU A 80 -4.55 9.50 -26.16
C GLU A 80 -3.76 10.74 -25.83
N GLU A 81 -4.36 11.59 -25.01
CA GLU A 81 -3.73 12.78 -24.47
C GLU A 81 -3.76 12.67 -22.96
N ALA A 82 -2.61 12.37 -22.38
CA ALA A 82 -2.52 12.15 -20.94
C ALA A 82 -2.73 13.42 -20.17
N ALA A 83 -3.46 13.32 -19.06
CA ALA A 83 -3.71 14.48 -18.19
C ALA A 83 -2.50 14.88 -17.35
N TYR A 84 -1.65 13.91 -17.01
CA TYR A 84 -0.56 14.12 -16.08
C TYR A 84 0.77 13.78 -16.72
N GLU A 85 1.69 14.74 -16.65
CA GLU A 85 3.05 14.57 -17.16
CA GLU A 85 3.04 14.57 -17.16
C GLU A 85 3.80 13.48 -16.44
N ASP A 86 3.49 13.31 -15.14
CA ASP A 86 4.07 12.25 -14.35
C ASP A 86 2.98 11.49 -13.62
N LEU A 87 3.07 10.16 -13.71
CA LEU A 87 2.14 9.24 -13.09
C LEU A 87 2.98 8.18 -12.41
N ALA A 88 2.88 8.11 -11.08
CA ALA A 88 3.80 7.30 -10.28
C ALA A 88 3.04 6.27 -9.46
N TYR A 89 3.69 5.14 -9.18
CA TYR A 89 3.24 4.21 -8.13
C TYR A 89 4.33 4.11 -7.07
N MET A 90 3.92 4.28 -5.81
CA MET A 90 4.79 4.15 -4.64
C MET A 90 4.40 2.89 -3.84
N ALA A 91 5.31 1.92 -3.82
CA ALA A 91 5.14 0.72 -2.98
C ALA A 91 5.72 0.97 -1.60
N ASP A 92 5.08 0.42 -0.58
CA ASP A 92 5.57 0.53 0.78
C ASP A 92 6.55 -0.56 1.05
N CYS A 93 7.74 -0.18 1.47
CA CYS A 93 8.79 -1.12 1.88
C CYS A 93 9.21 -0.92 3.32
N SER A 94 8.32 -0.36 4.14
CA SER A 94 8.64 0.05 5.53
C SER A 94 7.79 -0.64 6.59
N ARG A 95 6.76 -1.40 6.17
CA ARG A 95 5.79 -1.94 7.08
C ARG A 95 6.02 -3.46 7.34
N ASN A 96 7.24 -3.88 7.01
CA ASN A 96 7.82 -5.21 7.25
C ASN A 96 8.04 -5.96 5.92
N ALA A 97 7.27 -5.60 4.90
CA ALA A 97 7.35 -6.23 3.57
C ALA A 97 8.27 -5.39 2.67
N VAL A 98 9.48 -5.87 2.42
CA VAL A 98 10.43 -5.25 1.53
C VAL A 98 10.37 -5.97 0.19
N LEU A 99 9.88 -5.29 -0.83
CA LEU A 99 9.74 -5.89 -2.15
C LEU A 99 11.07 -6.46 -2.61
N ASN A 100 11.08 -7.75 -3.00
CA ASN A 100 12.29 -8.35 -3.49
C ASN A 100 12.58 -7.91 -4.92
N LEU A 101 13.83 -8.12 -5.37
CA LEU A 101 14.23 -7.56 -6.64
C LEU A 101 13.48 -8.13 -7.81
N SER A 102 13.22 -9.44 -7.78
CA SER A 102 12.45 -10.06 -8.86
C SER A 102 11.07 -9.46 -8.98
N SER A 103 10.43 -9.24 -7.84
CA SER A 103 9.10 -8.64 -7.81
C SER A 103 9.10 -7.15 -8.19
N ALA A 104 10.13 -6.41 -7.79
CA ALA A 104 10.29 -5.02 -8.25
C ALA A 104 10.38 -4.98 -9.78
N LYS A 105 11.10 -5.94 -10.37
CA LYS A 105 11.25 -5.96 -11.82
C LYS A 105 9.93 -6.25 -12.52
N LYS A 106 9.17 -7.21 -11.98
CA LYS A 106 7.84 -7.54 -12.49
C LYS A 106 6.92 -6.32 -12.40
N MET A 107 6.89 -5.69 -11.24
CA MET A 107 6.06 -4.50 -11.10
C MET A 107 6.42 -3.37 -12.10
N ILE A 108 7.70 -3.14 -12.30
CA ILE A 108 8.15 -2.14 -13.27
C ILE A 108 7.63 -2.46 -14.67
N GLU A 109 7.68 -3.73 -15.05
CA GLU A 109 7.18 -4.16 -16.38
C GLU A 109 5.70 -3.88 -16.54
N VAL A 110 4.94 -4.23 -15.51
CA VAL A 110 3.52 -3.97 -15.52
C VAL A 110 3.20 -2.48 -15.57
N LEU A 111 3.87 -1.68 -14.73
CA LEU A 111 3.69 -0.25 -14.72
C LEU A 111 4.04 0.38 -16.07
N ALA A 112 5.07 -0.13 -16.71
CA ALA A 112 5.46 0.37 -18.04
C ALA A 112 4.32 0.19 -19.03
N LEU A 113 3.74 -1.00 -19.06
CA LEU A 113 2.64 -1.32 -19.96
C LEU A 113 1.38 -0.51 -19.65
N MET A 114 1.19 -0.16 -18.37
CA MET A 114 0.02 0.61 -17.98
C MET A 114 0.15 2.09 -18.35
N GLY A 115 1.38 2.59 -18.41
CA GLY A 115 1.64 3.99 -18.72
C GLY A 115 2.22 4.84 -17.62
N TYR A 116 2.63 4.23 -16.50
CA TYR A 116 3.27 4.99 -15.43
C TYR A 116 4.62 5.50 -15.87
N SER A 117 4.97 6.72 -15.49
CA SER A 117 6.30 7.27 -15.77
C SER A 117 7.34 6.96 -14.71
N THR A 118 6.89 6.64 -13.49
CA THR A 118 7.73 6.69 -12.31
C THR A 118 7.39 5.56 -11.33
N PHE A 119 8.45 4.93 -10.79
CA PHE A 119 8.31 3.95 -9.70
C PHE A 119 8.94 4.54 -8.46
N GLU A 120 8.30 4.33 -7.31
CA GLU A 120 8.75 4.91 -6.05
C GLU A 120 8.70 3.83 -4.98
N LEU A 121 9.62 3.89 -4.02
CA LEU A 121 9.64 2.97 -2.89
C LEU A 121 9.66 3.80 -1.63
N TYR A 122 8.77 3.48 -0.69
CA TYR A 122 8.72 4.16 0.59
C TYR A 122 9.56 3.41 1.62
N MET A 123 10.64 4.05 2.08
CA MET A 123 11.63 3.43 2.93
C MET A 123 11.93 4.35 4.12
N GLU A 124 11.42 4.02 5.29
CA GLU A 124 11.71 4.78 6.50
C GLU A 124 13.13 4.48 6.92
N ASP A 125 13.42 3.21 7.16
CA ASP A 125 14.72 2.76 7.62
C ASP A 125 15.28 1.62 6.78
N THR A 126 14.66 1.37 5.63
CA THR A 126 14.97 0.14 4.89
C THR A 126 15.89 0.38 3.70
N TYR A 127 16.88 1.26 3.94
CA TYR A 127 18.03 1.38 3.05
C TYR A 127 19.27 1.53 3.93
N GLU A 128 20.43 1.13 3.41
CA GLU A 128 21.68 1.21 4.16
CA GLU A 128 21.65 1.21 4.19
C GLU A 128 22.24 2.62 4.20
N ILE A 129 22.75 3.01 5.37
CA ILE A 129 23.47 4.27 5.53
C ILE A 129 24.84 3.92 6.11
N GLU A 130 25.89 4.44 5.48
CA GLU A 130 27.25 4.34 6.02
C GLU A 130 27.34 4.89 7.45
N ASN A 131 28.00 4.13 8.29
CA ASN A 131 28.27 4.53 9.64
C ASN A 131 26.99 4.62 10.47
N GLN A 132 25.90 3.98 10.01
CA GLN A 132 24.70 3.79 10.83
C GLN A 132 24.26 2.32 10.85
N PRO A 133 25.03 1.47 11.53
CA PRO A 133 24.74 0.03 11.43
C PRO A 133 23.38 -0.39 11.96
N TYR A 134 22.76 0.37 12.84
CA TYR A 134 21.44 0.01 13.37
C TYR A 134 20.30 0.43 12.45
N PHE A 135 20.59 1.31 11.48
CA PHE A 135 19.55 1.81 10.59
C PHE A 135 19.20 0.70 9.61
N GLY A 136 18.03 0.13 9.78
CA GLY A 136 17.59 -0.99 8.95
C GLY A 136 18.10 -2.35 9.39
N TYR A 137 18.61 -2.44 10.61
CA TYR A 137 19.18 -3.66 11.17
C TYR A 137 18.13 -4.75 11.27
N PHE A 138 18.41 -5.89 10.64
CA PHE A 138 17.48 -7.03 10.56
C PHE A 138 16.14 -6.71 9.90
N ARG A 139 16.10 -5.64 9.09
CA ARG A 139 14.86 -5.24 8.41
C ARG A 139 14.81 -5.62 6.94
N GLY A 140 15.89 -6.17 6.41
CA GLY A 140 15.98 -6.34 4.95
C GLY A 140 16.24 -5.07 4.19
N ARG A 141 17.01 -4.17 4.78
CA ARG A 141 17.30 -2.90 4.14
C ARG A 141 17.92 -3.12 2.75
N TYR A 142 17.57 -2.27 1.79
CA TYR A 142 18.23 -2.32 0.52
C TYR A 142 19.67 -1.85 0.61
N THR A 143 20.56 -2.52 -0.11
CA THR A 143 21.88 -2.02 -0.32
C THR A 143 21.86 -0.98 -1.44
N VAL A 144 22.92 -0.18 -1.53
CA VAL A 144 23.10 0.71 -2.65
C VAL A 144 22.99 -0.07 -3.97
N ALA A 145 23.64 -1.23 -4.06
CA ALA A 145 23.59 -1.98 -5.33
C ALA A 145 22.18 -2.44 -5.68
N GLU A 146 21.39 -2.84 -4.67
CA GLU A 146 19.98 -3.17 -4.89
C GLU A 146 19.17 -1.99 -5.38
N LEU A 147 19.33 -0.82 -4.77
CA LEU A 147 18.58 0.34 -5.24
C LEU A 147 19.00 0.75 -6.65
N GLN A 148 20.28 0.63 -6.95
CA GLN A 148 20.75 0.90 -8.30
C GLN A 148 20.14 -0.08 -9.29
N GLU A 149 20.03 -1.34 -8.92
CA GLU A 149 19.51 -2.36 -9.81
C GLU A 149 18.04 -2.07 -10.13
N ILE A 150 17.28 -1.70 -9.11
CA ILE A 150 15.90 -1.32 -9.31
C ILE A 150 15.79 -0.06 -10.16
N GLU A 151 16.54 0.98 -9.83
CA GLU A 151 16.50 2.21 -10.60
C GLU A 151 16.88 1.96 -12.06
N ASP A 152 17.89 1.14 -12.26
CA ASP A 152 18.39 0.90 -13.62
C ASP A 152 17.36 0.12 -14.43
N TYR A 153 16.63 -0.78 -13.79
CA TYR A 153 15.61 -1.56 -14.48
C TYR A 153 14.47 -0.64 -14.93
N ALA A 154 14.05 0.29 -14.07
CA ALA A 154 13.07 1.27 -14.45
C ALA A 154 13.57 2.15 -15.62
N ALA A 155 14.83 2.52 -15.56
CA ALA A 155 15.40 3.38 -16.63
C ALA A 155 15.45 2.65 -17.96
N ASP A 156 15.57 1.33 -17.90
CA ASP A 156 15.53 0.48 -19.10
C ASP A 156 14.20 0.64 -19.86
N PHE A 157 13.14 1.05 -19.17
CA PHE A 157 11.84 1.37 -19.77
C PHE A 157 11.56 2.89 -19.86
N ASP A 158 12.61 3.70 -19.70
CA ASP A 158 12.53 5.14 -19.68
C ASP A 158 11.62 5.67 -18.58
N MET A 159 11.58 4.92 -17.48
CA MET A 159 10.85 5.32 -16.28
C MET A 159 11.81 5.89 -15.24
N SER A 160 11.34 6.86 -14.48
CA SER A 160 12.06 7.49 -13.39
C SER A 160 11.88 6.74 -12.07
N PHE A 161 12.74 7.06 -11.12
CA PHE A 161 12.73 6.43 -9.79
C PHE A 161 12.80 7.53 -8.76
N VAL A 162 11.92 7.45 -7.75
CA VAL A 162 11.92 8.44 -6.67
C VAL A 162 11.87 7.69 -5.35
N PRO A 163 12.96 7.77 -4.58
CA PRO A 163 12.90 7.24 -3.22
C PRO A 163 12.03 8.14 -2.36
N CYS A 164 11.23 7.56 -1.47
CA CYS A 164 10.39 8.27 -0.53
C CYS A 164 10.89 7.89 0.84
N ILE A 165 11.51 8.84 1.52
CA ILE A 165 12.17 8.61 2.80
C ILE A 165 11.55 9.46 3.90
N GLN A 166 12.06 9.32 5.12
CA GLN A 166 11.63 10.16 6.24
C GLN A 166 12.82 10.88 6.84
N THR A 167 12.67 12.21 6.98
CA THR A 167 13.74 13.07 7.51
C THR A 167 13.41 13.66 8.87
N LEU A 168 12.24 13.35 9.44
CA LEU A 168 11.89 13.81 10.79
C LEU A 168 11.19 12.77 11.63
N ALA A 169 10.07 12.25 11.15
CA ALA A 169 9.24 11.35 11.96
C ALA A 169 8.99 10.06 11.19
N HIS A 170 8.30 9.14 11.84
CA HIS A 170 7.99 7.82 11.27
C HIS A 170 9.25 7.01 11.07
N LEU A 171 10.11 6.99 12.08
CA LEU A 171 11.31 6.15 12.08
C LEU A 171 11.27 5.17 13.25
N SER A 172 10.08 4.65 13.50
CA SER A 172 9.86 3.83 14.70
C SER A 172 10.75 2.57 14.76
N ALA A 173 11.03 1.93 13.62
CA ALA A 173 11.82 0.70 13.68
C ALA A 173 13.29 0.97 14.00
N PHE A 174 13.75 2.20 13.77
CA PHE A 174 15.13 2.57 13.99
C PHE A 174 15.34 3.05 15.42
N VAL A 175 14.42 3.90 15.88
CA VAL A 175 14.66 4.62 17.14
C VAL A 175 14.45 3.74 18.36
N LYS A 176 14.04 2.49 18.17
CA LYS A 176 13.81 1.53 19.24
CA LYS A 176 13.81 1.61 19.31
C LYS A 176 15.09 0.96 19.87
N TRP A 177 16.23 1.09 19.18
CA TRP A 177 17.47 0.46 19.64
C TRP A 177 18.08 1.19 20.82
N GLY A 178 18.26 0.50 21.94
CA GLY A 178 18.72 1.11 23.17
C GLY A 178 20.22 1.28 23.24
N ILE A 179 20.76 2.03 22.28
CA ILE A 179 22.17 2.30 22.14
C ILE A 179 22.29 3.83 22.10
N LYS A 180 23.31 4.37 22.76
CA LYS A 180 23.46 5.82 22.87
C LYS A 180 23.41 6.52 21.52
N GLU A 181 24.07 5.94 20.53
CA GLU A 181 24.21 6.61 19.25
CA GLU A 181 24.23 6.51 19.17
C GLU A 181 22.90 6.62 18.42
N VAL A 182 21.89 5.89 18.88
CA VAL A 182 20.54 6.00 18.33
C VAL A 182 19.65 6.82 19.26
N GLN A 183 19.70 6.54 20.56
CA GLN A 183 18.85 7.25 21.50
C GLN A 183 19.09 8.78 21.51
N GLU A 184 20.34 9.16 21.26
CA GLU A 184 20.70 10.60 21.24
C GLU A 184 20.05 11.31 20.06
N LEU A 185 19.50 10.58 19.10
CA LEU A 185 18.86 11.15 17.93
C LEU A 185 17.38 11.43 18.09
N ARG A 186 16.82 11.04 19.23
CA ARG A 186 15.37 11.04 19.44
C ARG A 186 14.80 12.26 20.15
N ASP A 187 13.63 12.68 19.71
CA ASP A 187 12.83 13.62 20.47
C ASP A 187 11.88 12.79 21.38
N VAL A 188 10.93 12.11 20.76
CA VAL A 188 9.95 11.31 21.48
C VAL A 188 9.24 10.42 20.46
N GLU A 189 8.72 9.28 20.92
CA GLU A 189 8.02 8.29 20.04
C GLU A 189 8.86 8.01 18.79
N ASP A 190 8.34 8.26 17.60
CA ASP A 190 8.98 7.99 16.34
C ASP A 190 9.72 9.17 15.70
N ILE A 191 9.96 10.25 16.47
CA ILE A 191 10.41 11.54 15.94
C ILE A 191 11.87 11.79 16.29
N LEU A 192 12.63 12.21 15.28
CA LEU A 192 14.02 12.62 15.46
C LEU A 192 14.09 14.00 16.12
N LEU A 193 15.25 14.25 16.72
CA LEU A 193 15.49 15.47 17.52
C LEU A 193 15.95 16.66 16.66
N ILE A 194 15.05 17.60 16.46
CA ILE A 194 15.38 18.82 15.69
C ILE A 194 16.48 19.55 16.45
N GLY A 195 17.44 20.07 15.69
CA GLY A 195 18.51 20.87 16.27
C GLY A 195 19.71 20.11 16.76
N GLU A 196 19.64 18.77 16.71
CA GLU A 196 20.74 17.95 17.13
C GLU A 196 21.67 17.68 15.95
N GLU A 197 22.94 18.03 16.10
CA GLU A 197 23.86 17.88 14.99
C GLU A 197 24.06 16.43 14.54
N LYS A 198 23.97 15.49 15.48
CA LYS A 198 24.05 14.07 15.11
C LYS A 198 22.86 13.63 14.25
N VAL A 199 21.73 14.31 14.37
CA VAL A 199 20.56 14.07 13.51
C VAL A 199 20.84 14.58 12.10
N TYR A 200 21.44 15.77 11.96
CA TYR A 200 21.85 16.25 10.65
C TYR A 200 22.98 15.39 10.03
N ASP A 201 23.84 14.77 10.86
CA ASP A 201 24.80 13.78 10.37
C ASP A 201 24.06 12.57 9.75
N LEU A 202 23.02 12.11 10.44
CA LEU A 202 22.21 10.98 9.95
C LEU A 202 21.57 11.35 8.61
N ILE A 203 20.96 12.53 8.54
CA ILE A 203 20.23 12.96 7.37
C ILE A 203 21.20 13.14 6.20
N GLU A 204 22.39 13.69 6.47
CA GLU A 204 23.40 13.75 5.42
C GLU A 204 23.75 12.35 4.92
N GLY A 205 23.79 11.37 5.83
CA GLY A 205 24.00 9.96 5.45
C GLY A 205 22.92 9.43 4.51
N MET A 206 21.67 9.80 4.77
CA MET A 206 20.56 9.43 3.90
C MET A 206 20.80 9.91 2.48
N PHE A 207 21.16 11.19 2.35
CA PHE A 207 21.43 11.77 1.04
C PHE A 207 22.67 11.19 0.38
N GLN A 208 23.68 10.86 1.18
CA GLN A 208 24.89 10.24 0.63
C GLN A 208 24.55 8.88 0.03
N THR A 209 23.63 8.16 0.66
CA THR A 209 23.20 6.89 0.09
C THR A 209 22.49 7.12 -1.23
N MET A 210 21.51 8.02 -1.21
CA MET A 210 20.68 8.23 -2.40
C MET A 210 21.46 8.88 -3.55
N ALA A 211 22.54 9.59 -3.22
CA ALA A 211 23.37 10.24 -4.26
C ALA A 211 24.06 9.23 -5.16
N HIS A 212 24.13 7.96 -4.73
CA HIS A 212 24.61 6.86 -5.59
C HIS A 212 23.68 6.50 -6.75
N LEU A 213 22.45 6.98 -6.67
CA LEU A 213 21.47 6.82 -7.73
C LEU A 213 21.63 7.93 -8.79
N HIS A 214 20.98 7.75 -9.92
CA HIS A 214 20.94 8.77 -10.96
C HIS A 214 19.91 9.84 -10.64
N THR A 215 18.77 9.41 -10.10
CA THR A 215 17.70 10.32 -9.79
C THR A 215 18.15 11.44 -8.85
N ARG A 216 17.63 12.65 -9.11
CA ARG A 216 17.81 13.75 -8.18
C ARG A 216 16.47 14.33 -7.74
N LYS A 217 15.46 13.46 -7.70
CA LYS A 217 14.15 13.76 -7.15
C LYS A 217 13.91 12.82 -5.98
N ILE A 218 13.46 13.36 -4.85
CA ILE A 218 13.29 12.58 -3.63
C ILE A 218 12.12 13.14 -2.85
N ASN A 219 11.32 12.27 -2.22
CA ASN A 219 10.28 12.66 -1.29
C ASN A 219 10.86 12.54 0.11
N ILE A 220 10.95 13.68 0.82
CA ILE A 220 11.57 13.73 2.15
C ILE A 220 10.59 13.53 3.31
N GLY A 221 9.31 13.36 3.01
CA GLY A 221 8.28 13.20 4.03
C GLY A 221 7.91 14.53 4.64
N MET A 222 8.36 14.75 5.86
CA MET A 222 8.18 16.03 6.54
C MET A 222 6.73 16.40 6.81
N ASP A 223 5.87 15.42 7.05
CA ASP A 223 4.57 15.70 7.68
C ASP A 223 4.76 16.18 9.13
N GLU A 224 3.69 16.72 9.71
CA GLU A 224 3.78 17.48 10.96
C GLU A 224 3.16 16.73 12.12
N ALA A 225 3.94 15.89 12.77
CA ALA A 225 3.45 15.08 13.89
C ALA A 225 3.18 15.93 15.12
N HIS A 226 2.12 15.60 15.86
CA HIS A 226 1.74 16.39 17.03
C HIS A 226 2.86 16.59 18.04
N LEU A 227 3.67 15.56 18.31
CA LEU A 227 4.63 15.65 19.41
C LEU A 227 5.98 16.23 19.02
N VAL A 228 6.10 16.76 17.81
CA VAL A 228 7.36 17.40 17.41
C VAL A 228 7.69 18.54 18.40
N GLY A 229 8.88 18.47 19.00
CA GLY A 229 9.34 19.48 19.95
C GLY A 229 8.99 19.22 21.40
N LEU A 230 8.24 18.14 21.67
CA LEU A 230 7.65 17.95 22.99
C LEU A 230 8.25 16.85 23.86
N GLY A 231 9.34 16.23 23.40
CA GLY A 231 10.04 15.24 24.17
C GLY A 231 11.38 15.72 24.70
N ARG A 232 12.46 15.10 24.27
CA ARG A 232 13.78 15.52 24.69
C ARG A 232 14.05 16.94 24.20
N TYR A 233 13.40 17.34 23.11
CA TYR A 233 13.58 18.72 22.63
C TYR A 233 13.14 19.72 23.71
N LEU A 234 11.96 19.48 24.25
CA LEU A 234 11.39 20.36 25.29
C LEU A 234 12.29 20.42 26.52
N ILE A 235 12.84 19.27 26.92
CA ILE A 235 13.74 19.16 28.07
C ILE A 235 15.05 19.96 27.87
N LYS A 236 15.54 19.96 26.63
CA LYS A 236 16.78 20.66 26.30
C LYS A 236 16.59 22.16 26.09
N HIS A 237 15.46 22.55 25.52
CA HIS A 237 15.27 23.92 25.00
C HIS A 237 14.09 24.71 25.55
N GLY A 238 13.15 24.05 26.23
CA GLY A 238 11.85 24.65 26.52
C GLY A 238 10.89 24.59 25.36
N PHE A 239 9.67 25.05 25.57
CA PHE A 239 8.61 24.94 24.57
C PHE A 239 8.73 25.89 23.37
N GLN A 240 8.71 25.33 22.16
CA GLN A 240 8.73 26.11 20.91
CA GLN A 240 8.74 26.09 20.90
C GLN A 240 7.53 25.79 20.03
N ASN A 241 7.08 26.79 19.27
CA ASN A 241 6.02 26.66 18.28
C ASN A 241 6.44 25.56 17.31
N ARG A 242 5.58 24.58 17.08
CA ARG A 242 5.92 23.45 16.19
C ARG A 242 6.23 23.96 14.78
N SER A 243 5.48 24.95 14.29
CA SER A 243 5.73 25.45 12.93
C SER A 243 7.14 26.04 12.77
N LEU A 244 7.61 26.78 13.78
CA LEU A 244 8.98 27.31 13.75
C LEU A 244 10.03 26.20 13.75
N LEU A 245 9.82 25.16 14.56
CA LEU A 245 10.75 24.02 14.55
C LEU A 245 10.78 23.30 13.21
N MET A 246 9.61 23.11 12.63
CA MET A 246 9.49 22.48 11.32
C MET A 246 10.24 23.27 10.26
N CYS A 247 10.14 24.61 10.36
CA CYS A 247 10.89 25.47 9.45
C CYS A 247 12.38 25.32 9.61
N GLN A 248 12.86 25.36 10.85
CA GLN A 248 14.28 25.26 11.13
C GLN A 248 14.83 23.93 10.61
N HIS A 249 14.08 22.86 10.87
CA HIS A 249 14.50 21.54 10.45
C HIS A 249 14.48 21.43 8.93
N LEU A 250 13.40 21.88 8.31
CA LEU A 250 13.26 21.77 6.85
C LEU A 250 14.39 22.54 6.15
N GLU A 251 14.73 23.72 6.68
CA GLU A 251 15.85 24.44 6.07
C GLU A 251 17.14 23.63 6.12
N ARG A 252 17.41 22.98 7.25
CA ARG A 252 18.61 22.16 7.36
C ARG A 252 18.57 21.02 6.36
N VAL A 253 17.41 20.38 6.23
CA VAL A 253 17.28 19.26 5.31
C VAL A 253 17.45 19.70 3.85
N LEU A 254 16.86 20.84 3.51
CA LEU A 254 16.99 21.35 2.16
C LEU A 254 18.43 21.77 1.85
N ASP A 255 19.14 22.33 2.82
CA ASP A 255 20.55 22.71 2.58
C ASP A 255 21.38 21.45 2.30
N ILE A 256 21.09 20.35 2.99
CA ILE A 256 21.76 19.08 2.72
C ILE A 256 21.38 18.56 1.33
N ALA A 257 20.10 18.59 1.01
CA ALA A 257 19.65 18.11 -0.30
C ALA A 257 20.32 18.92 -1.41
N ASP A 258 20.41 20.24 -1.20
CA ASP A 258 21.04 21.13 -2.20
C ASP A 258 22.48 20.72 -2.44
N LYS A 259 23.19 20.36 -1.37
CA LYS A 259 24.61 19.97 -1.47
C LYS A 259 24.80 18.77 -2.38
N TYR A 260 23.82 17.86 -2.38
CA TYR A 260 23.89 16.63 -3.15
C TYR A 260 23.16 16.72 -4.48
N GLY A 261 22.57 17.88 -4.78
CA GLY A 261 21.91 18.13 -6.06
C GLY A 261 20.47 17.68 -6.17
N PHE A 262 19.84 17.41 -5.03
CA PHE A 262 18.46 16.91 -5.00
C PHE A 262 17.42 18.01 -4.97
N ASN A 263 16.31 17.74 -5.65
CA ASN A 263 15.09 18.52 -5.59
C ASN A 263 14.09 17.73 -4.77
N CYS A 264 13.48 18.36 -3.78
CA CYS A 264 12.65 17.64 -2.81
C CYS A 264 11.16 17.86 -2.96
N GLN A 265 10.41 16.77 -2.83
CA GLN A 265 8.96 16.75 -2.68
C GLN A 265 8.66 16.44 -1.22
N MET A 266 7.54 16.92 -0.72
CA MET A 266 7.13 16.63 0.64
C MET A 266 5.63 16.81 0.77
N TRP A 267 5.05 16.24 1.84
CA TRP A 267 3.63 16.40 2.08
C TRP A 267 3.36 17.87 2.39
N SER A 268 2.18 18.34 1.98
CA SER A 268 1.88 19.76 2.07
C SER A 268 1.50 20.24 3.47
N ASP A 269 1.24 19.30 4.38
CA ASP A 269 0.63 19.60 5.68
C ASP A 269 1.24 20.77 6.45
N MET A 270 2.56 20.81 6.50
CA MET A 270 3.31 21.82 7.22
C MET A 270 2.93 23.24 6.78
N PHE A 271 2.47 23.37 5.54
CA PHE A 271 2.18 24.68 4.94
C PHE A 271 0.69 25.05 4.96
N PHE A 272 -0.15 24.26 5.63
CA PHE A 272 -1.60 24.54 5.66
C PHE A 272 -1.87 25.95 6.22
N LYS A 273 -1.05 26.37 7.18
CA LYS A 273 -1.15 27.72 7.78
C LYS A 273 -1.10 28.85 6.76
N LEU A 274 -0.30 28.70 5.71
CA LEU A 274 -0.21 29.71 4.64
C LEU A 274 -1.46 29.78 3.76
N MET A 275 -2.25 28.73 3.76
CA MET A 275 -3.40 28.63 2.86
C MET A 275 -4.63 29.33 3.42
N PRO A 288 3.63 33.90 14.02
CA PRO A 288 4.36 35.11 14.30
C PRO A 288 5.00 35.68 13.04
N GLU A 289 5.15 36.99 12.99
CA GLU A 289 5.55 37.66 11.75
C GLU A 289 6.68 36.93 11.03
N GLU A 290 7.81 36.74 11.72
CA GLU A 290 8.98 36.17 11.08
C GLU A 290 8.86 34.67 10.79
N THR A 291 7.89 33.97 11.39
CA THR A 291 7.63 32.54 11.06
C THR A 291 6.82 32.34 9.77
N ARG A 292 5.85 33.22 9.54
CA ARG A 292 5.11 33.25 8.29
C ARG A 292 6.07 33.50 7.14
N VAL A 293 7.03 34.38 7.36
CA VAL A 293 8.04 34.72 6.37
C VAL A 293 8.90 33.51 6.08
N TYR A 294 9.22 32.76 7.13
CA TYR A 294 10.05 31.54 7.03
C TYR A 294 9.32 30.51 6.13
N LEU A 295 8.05 30.24 6.42
CA LEU A 295 7.27 29.29 5.61
C LEU A 295 7.19 29.72 4.16
N ASP A 296 6.94 31.01 3.95
CA ASP A 296 6.85 31.57 2.61
C ASP A 296 8.13 31.42 1.81
N ARG A 297 9.31 31.47 2.44
CA ARG A 297 10.56 31.27 1.73
CA ARG A 297 10.53 31.28 1.68
C ARG A 297 10.84 29.79 1.46
N LEU A 298 10.54 28.95 2.45
CA LEU A 298 10.79 27.51 2.28
C LEU A 298 9.88 26.87 1.23
N LYS A 299 8.64 27.35 1.10
CA LYS A 299 7.69 26.78 0.11
C LYS A 299 8.21 26.89 -1.31
N GLU A 300 9.01 27.91 -1.60
CA GLU A 300 9.56 28.10 -2.93
C GLU A 300 10.56 27.02 -3.34
N ARG A 301 11.08 26.28 -2.35
CA ARG A 301 12.18 25.33 -2.56
C ARG A 301 11.73 23.89 -2.69
N VAL A 302 10.45 23.63 -2.51
CA VAL A 302 9.92 22.25 -2.55
C VAL A 302 8.70 22.12 -3.45
N THR A 303 8.42 20.89 -3.89
CA THR A 303 7.14 20.53 -4.46
C THR A 303 6.27 19.99 -3.35
N LEU A 304 5.06 20.50 -3.23
CA LEU A 304 4.12 20.10 -2.18
C LEU A 304 3.19 19.04 -2.74
N VAL A 305 2.94 18.01 -1.93
CA VAL A 305 2.06 16.92 -2.32
C VAL A 305 0.84 16.90 -1.41
N TYR A 306 -0.33 17.15 -2.01
CA TYR A 306 -1.62 17.02 -1.36
C TYR A 306 -2.03 15.55 -1.42
N TRP A 307 -2.09 14.90 -0.25
CA TRP A 307 -2.51 13.51 -0.19
C TRP A 307 -3.94 13.35 0.33
N ASP A 308 -4.69 12.48 -0.34
CA ASP A 308 -6.09 12.22 0.00
C ASP A 308 -6.52 10.90 -0.58
N TYR A 309 -6.86 9.95 0.29
CA TYR A 309 -7.20 8.58 -0.15
C TYR A 309 -8.66 8.25 0.05
N TYR A 310 -9.46 9.21 0.51
CA TYR A 310 -10.75 8.92 1.14
C TYR A 310 -11.95 9.61 0.55
N GLN A 311 -11.78 10.74 -0.11
CA GLN A 311 -12.93 11.60 -0.40
C GLN A 311 -13.75 11.14 -1.60
N ASP A 312 -15.08 11.22 -1.47
CA ASP A 312 -15.99 10.57 -2.44
C ASP A 312 -16.64 11.55 -3.41
N SER A 313 -16.21 12.80 -3.38
CA SER A 313 -16.76 13.80 -4.28
C SER A 313 -15.72 14.78 -4.77
N GLU A 314 -15.78 15.03 -6.07
CA GLU A 314 -14.87 15.95 -6.75
C GLU A 314 -14.74 17.29 -6.04
N GLU A 315 -15.87 17.84 -5.61
CA GLU A 315 -15.90 19.16 -5.02
C GLU A 315 -15.08 19.26 -3.73
N LYS A 316 -15.03 18.17 -2.97
CA LYS A 316 -14.20 18.12 -1.76
C LYS A 316 -12.72 18.27 -2.12
N TYR A 317 -12.29 17.56 -3.16
CA TYR A 317 -10.93 17.72 -3.67
C TYR A 317 -10.69 19.11 -4.21
N ASN A 318 -11.65 19.64 -4.95
CA ASN A 318 -11.52 20.97 -5.57
C ASN A 318 -11.23 22.04 -4.53
N ARG A 319 -11.97 22.01 -3.43
CA ARG A 319 -11.76 22.96 -2.34
C ARG A 319 -10.33 22.92 -1.83
N ASN A 320 -9.81 21.70 -1.65
CA ASN A 320 -8.43 21.56 -1.17
C ASN A 320 -7.40 22.01 -2.20
N PHE A 321 -7.63 21.73 -3.48
CA PHE A 321 -6.73 22.21 -4.54
C PHE A 321 -6.73 23.74 -4.60
N GLN A 322 -7.91 24.35 -4.50
CA GLN A 322 -7.98 25.81 -4.49
C GLN A 322 -7.16 26.40 -3.35
N ASN A 323 -7.29 25.84 -2.16
CA ASN A 323 -6.53 26.29 -1.00
C ASN A 323 -5.02 26.12 -1.20
N HIS A 324 -4.60 24.99 -1.74
CA HIS A 324 -3.17 24.77 -2.03
C HIS A 324 -2.64 25.77 -3.03
N HIS A 325 -3.42 26.06 -4.07
CA HIS A 325 -2.95 26.96 -5.12
C HIS A 325 -2.88 28.43 -4.68
N LYS A 326 -3.41 28.75 -3.50
CA LYS A 326 -3.21 30.07 -2.89
C LYS A 326 -1.75 30.32 -2.54
N ILE A 327 -0.98 29.25 -2.35
CA ILE A 327 0.40 29.41 -1.93
C ILE A 327 1.42 28.94 -2.95
N SER A 328 1.05 27.99 -3.81
CA SER A 328 1.99 27.49 -4.80
C SER A 328 1.25 26.89 -5.98
N GLN A 329 1.85 27.00 -7.15
CA GLN A 329 1.35 26.31 -8.32
C GLN A 329 1.99 24.92 -8.45
N ASP A 330 3.04 24.66 -7.67
CA ASP A 330 3.73 23.37 -7.76
C ASP A 330 3.10 22.38 -6.77
N ILE A 331 1.87 21.95 -7.08
CA ILE A 331 1.11 20.99 -6.22
C ILE A 331 0.83 19.64 -6.90
N ALA A 332 1.46 18.58 -6.38
CA ALA A 332 1.21 17.23 -6.86
C ALA A 332 0.10 16.62 -6.02
N PHE A 333 -0.50 15.55 -6.54
CA PHE A 333 -1.57 14.83 -5.85
C PHE A 333 -1.17 13.39 -5.57
N ALA A 334 -1.44 12.93 -4.36
CA ALA A 334 -1.23 11.52 -4.00
C ALA A 334 -2.56 10.90 -3.68
N GLY A 335 -2.93 9.90 -4.48
CA GLY A 335 -4.12 9.11 -4.28
C GLY A 335 -3.71 7.78 -3.68
N GLY A 336 -4.68 6.88 -3.55
CA GLY A 336 -4.50 5.62 -2.80
C GLY A 336 -4.99 4.37 -3.50
N ALA A 337 -4.10 3.38 -3.59
CA ALA A 337 -4.45 2.02 -3.98
C ALA A 337 -4.51 1.22 -2.67
N TRP A 338 -5.72 0.97 -2.21
CA TRP A 338 -6.00 0.51 -0.84
C TRP A 338 -5.51 -0.91 -0.62
N LYS A 339 -4.33 -1.03 -0.01
CA LYS A 339 -3.73 -2.31 0.33
C LYS A 339 -3.09 -2.30 1.71
N TRP A 340 -3.60 -1.45 2.60
CA TRP A 340 -3.05 -1.31 3.93
C TRP A 340 -4.01 -1.68 5.05
N ILE A 341 -5.01 -2.52 4.76
CA ILE A 341 -6.05 -2.85 5.73
C ILE A 341 -6.11 -4.35 6.06
N GLY A 342 -4.95 -4.99 6.05
CA GLY A 342 -4.88 -6.40 6.46
C GLY A 342 -4.30 -7.27 5.39
N PHE A 343 -5.01 -8.36 5.09
CA PHE A 343 -4.58 -9.37 4.11
C PHE A 343 -5.23 -9.19 2.74
N THR A 344 -6.25 -8.35 2.70
CA THR A 344 -7.12 -8.19 1.54
C THR A 344 -7.21 -6.71 1.17
N PRO A 345 -7.04 -6.37 -0.12
CA PRO A 345 -7.07 -4.99 -0.56
C PRO A 345 -8.51 -4.50 -0.74
N HIS A 346 -8.66 -3.27 -1.20
CA HIS A 346 -9.95 -2.71 -1.56
C HIS A 346 -9.84 -1.93 -2.86
N ASN A 347 -9.65 -2.65 -3.95
CA ASN A 347 -9.65 -2.08 -5.28
C ASN A 347 -10.97 -1.40 -5.64
N HIS A 348 -12.09 -1.90 -5.12
CA HIS A 348 -13.40 -1.28 -5.37
C HIS A 348 -13.47 0.14 -4.82
N PHE A 349 -13.08 0.31 -3.55
CA PHE A 349 -13.08 1.62 -2.97
C PHE A 349 -12.05 2.50 -3.69
N SER A 350 -10.90 1.92 -4.01
CA SER A 350 -9.89 2.64 -4.78
C SER A 350 -10.45 3.22 -6.07
N ARG A 351 -11.28 2.45 -6.76
CA ARG A 351 -11.88 2.91 -8.00
C ARG A 351 -12.83 4.09 -7.76
N LEU A 352 -13.65 3.97 -6.74
CA LEU A 352 -14.60 5.03 -6.40
C LEU A 352 -13.91 6.37 -6.20
N VAL A 353 -12.86 6.41 -5.38
CA VAL A 353 -12.17 7.65 -5.11
C VAL A 353 -11.34 8.11 -6.30
N ALA A 354 -10.76 7.19 -7.07
CA ALA A 354 -9.95 7.59 -8.22
C ALA A 354 -10.78 8.35 -9.24
N ILE A 355 -12.00 7.88 -9.48
CA ILE A 355 -12.90 8.53 -10.45
C ILE A 355 -13.09 9.99 -10.07
N GLU A 356 -13.33 10.24 -8.78
CA GLU A 356 -13.56 11.60 -8.32
C GLU A 356 -12.29 12.42 -8.25
N ALA A 357 -11.20 11.82 -7.76
CA ALA A 357 -9.94 12.53 -7.68
C ALA A 357 -9.42 12.92 -9.05
N ASN A 358 -9.57 12.03 -10.04
CA ASN A 358 -9.14 12.33 -11.40
C ASN A 358 -9.87 13.57 -11.97
N LYS A 359 -11.18 13.65 -11.70
CA LYS A 359 -11.94 14.83 -12.11
C LYS A 359 -11.35 16.11 -11.55
N ALA A 360 -11.04 16.09 -10.26
CA ALA A 360 -10.51 17.23 -9.58
C ALA A 360 -9.09 17.56 -10.00
N CYS A 361 -8.25 16.55 -10.20
CA CYS A 361 -6.90 16.80 -10.64
C CYS A 361 -6.90 17.47 -12.02
N ARG A 362 -7.78 17.01 -12.90
CA ARG A 362 -7.87 17.59 -14.25
C ARG A 362 -8.35 19.05 -14.16
N LYS A 363 -9.37 19.28 -13.35
CA LYS A 363 -9.94 20.63 -13.21
C LYS A 363 -8.92 21.63 -12.70
N ASN A 364 -8.04 21.17 -11.81
CA ASN A 364 -7.05 22.03 -11.17
C ASN A 364 -5.66 21.95 -11.79
N GLN A 365 -5.57 21.42 -13.00
CA GLN A 365 -4.36 21.41 -13.82
C GLN A 365 -3.16 20.77 -13.13
N VAL A 366 -3.41 19.71 -12.39
CA VAL A 366 -2.35 18.95 -11.73
C VAL A 366 -1.46 18.30 -12.78
N LYS A 367 -0.14 18.35 -12.57
CA LYS A 367 0.82 17.76 -13.50
C LYS A 367 1.34 16.40 -13.06
N GLU A 368 1.28 16.11 -11.76
CA GLU A 368 1.83 14.85 -11.23
C GLU A 368 0.85 14.20 -10.26
N VAL A 369 0.58 12.92 -10.51
CA VAL A 369 -0.24 12.08 -9.63
C VAL A 369 0.61 10.90 -9.18
N ILE A 370 0.61 10.66 -7.88
CA ILE A 370 1.30 9.55 -7.24
C ILE A 370 0.22 8.66 -6.64
N VAL A 371 0.21 7.40 -7.03
CA VAL A 371 -0.71 6.40 -6.47
C VAL A 371 0.07 5.64 -5.38
N THR A 372 -0.42 5.69 -4.14
CA THR A 372 0.32 5.14 -3.00
C THR A 372 -0.22 3.74 -2.65
N GLY A 373 0.67 2.85 -2.27
CA GLY A 373 0.36 1.46 -1.92
C GLY A 373 0.92 1.14 -0.55
N TRP A 374 0.46 1.86 0.46
CA TRP A 374 0.89 1.66 1.84
C TRP A 374 0.61 0.25 2.33
N GLY A 375 1.26 -0.17 3.43
CA GLY A 375 1.10 -1.52 3.99
C GLY A 375 0.93 -1.55 5.49
N ASP A 376 0.36 -0.47 6.05
CA ASP A 376 0.14 -0.34 7.52
C ASP A 376 0.08 -1.66 8.34
N ASN A 377 0.87 -1.68 9.42
CA ASN A 377 0.83 -2.61 10.53
C ASN A 377 1.24 -4.06 10.17
N GLY A 378 2.32 -4.26 9.38
CA GLY A 378 2.85 -5.59 9.12
C GLY A 378 2.95 -6.03 7.66
N GLY A 379 2.41 -5.28 6.73
CA GLY A 379 2.56 -5.61 5.31
C GLY A 379 1.92 -6.91 4.89
N GLU A 380 0.71 -7.14 5.38
CA GLU A 380 0.05 -8.44 5.20
C GLU A 380 -0.62 -8.60 3.82
N THR A 381 -0.82 -7.53 3.06
CA THR A 381 -1.46 -7.65 1.75
C THR A 381 -0.43 -7.84 0.64
N SER A 382 -0.79 -8.68 -0.33
CA SER A 382 0.07 -8.90 -1.47
C SER A 382 0.52 -7.62 -2.14
N GLN A 383 1.78 -7.61 -2.55
CA GLN A 383 2.34 -6.48 -3.30
C GLN A 383 1.68 -6.29 -4.68
N PHE A 384 1.05 -7.36 -5.19
CA PHE A 384 0.38 -7.31 -6.49
C PHE A 384 -1.15 -7.27 -6.37
N SER A 385 -1.64 -7.02 -5.15
CA SER A 385 -3.05 -7.05 -4.85
C SER A 385 -3.83 -5.95 -5.54
N VAL A 386 -3.16 -4.83 -5.86
CA VAL A 386 -3.84 -3.65 -6.34
C VAL A 386 -3.57 -3.34 -7.81
N LEU A 387 -3.19 -4.35 -8.58
CA LEU A 387 -3.04 -4.12 -10.02
C LEU A 387 -4.30 -3.53 -10.65
N PRO A 388 -5.51 -3.99 -10.23
CA PRO A 388 -6.69 -3.34 -10.81
C PRO A 388 -6.76 -1.82 -10.56
N ALA A 389 -6.51 -1.39 -9.32
CA ALA A 389 -6.48 0.04 -9.01
C ALA A 389 -5.45 0.78 -9.81
N LEU A 390 -4.29 0.16 -10.04
CA LEU A 390 -3.24 0.79 -10.82
C LEU A 390 -3.69 0.96 -12.28
N GLN A 391 -4.34 -0.04 -12.82
CA GLN A 391 -4.86 0.07 -14.20
C GLN A 391 -5.91 1.16 -14.27
N ILE A 392 -6.78 1.21 -13.27
CA ILE A 392 -7.83 2.23 -13.22
C ILE A 392 -7.24 3.65 -13.28
N TRP A 393 -6.23 3.91 -12.49
CA TRP A 393 -5.64 5.21 -12.51
C TRP A 393 -4.98 5.54 -13.86
N ALA A 394 -4.32 4.56 -14.46
CA ALA A 394 -3.69 4.75 -15.75
C ALA A 394 -4.75 5.05 -16.82
N GLU A 395 -5.84 4.28 -16.82
CA GLU A 395 -6.92 4.56 -17.78
C GLU A 395 -7.51 5.95 -17.57
N LEU A 396 -7.78 6.32 -16.32
CA LEU A 396 -8.26 7.65 -16.06
C LEU A 396 -7.30 8.73 -16.53
N ALA A 397 -6.00 8.55 -16.30
CA ALA A 397 -4.97 9.49 -16.71
C ALA A 397 -4.88 9.67 -18.22
N TYR A 398 -4.99 8.58 -18.95
CA TYR A 398 -4.73 8.59 -20.39
C TYR A 398 -5.98 8.77 -21.24
N ARG A 399 -7.12 8.26 -20.76
CA ARG A 399 -8.38 8.27 -21.53
C ARG A 399 -9.52 9.01 -20.84
N ASN A 400 -9.42 9.27 -19.54
CA ASN A 400 -10.50 9.90 -18.78
C ASN A 400 -11.76 9.03 -18.67
N ASP A 401 -11.60 7.73 -18.82
CA ASP A 401 -12.70 6.80 -18.66
C ASP A 401 -12.15 5.40 -18.46
N LEU A 402 -13.05 4.48 -18.10
CA LEU A 402 -12.71 3.09 -17.84
C LEU A 402 -13.28 2.14 -18.89
N LYS A 403 -13.59 2.67 -20.08
CA LYS A 403 -14.23 1.86 -21.10
C LYS A 403 -13.35 0.73 -21.62
N LYS A 404 -12.03 0.91 -21.56
CA LYS A 404 -11.09 -0.10 -22.03
C LYS A 404 -10.26 -0.72 -20.91
N VAL A 405 -10.72 -0.58 -19.67
CA VAL A 405 -9.92 -1.09 -18.55
C VAL A 405 -9.68 -2.61 -18.65
N SER A 406 -10.69 -3.40 -19.03
CA SER A 406 -10.53 -4.86 -19.14
C SER A 406 -9.58 -5.27 -20.24
N GLU A 407 -9.74 -4.66 -21.41
CA GLU A 407 -8.87 -4.95 -22.54
C GLU A 407 -7.41 -4.66 -22.26
N HIS A 408 -7.15 -3.50 -21.65
CA HIS A 408 -5.77 -3.12 -21.33
C HIS A 408 -5.22 -3.96 -20.17
N PHE A 409 -6.06 -4.26 -19.18
CA PHE A 409 -5.63 -5.10 -18.05
C PHE A 409 -5.22 -6.50 -18.48
N LEU A 410 -5.88 -7.03 -19.51
CA LEU A 410 -5.53 -8.34 -20.02
C LEU A 410 -4.09 -8.35 -20.57
N VAL A 411 -3.65 -7.26 -21.17
CA VAL A 411 -2.27 -7.17 -21.62
C VAL A 411 -1.34 -7.10 -20.41
N SER A 412 -1.68 -6.22 -19.47
CA SER A 412 -0.84 -5.99 -18.30
C SER A 412 -0.62 -7.24 -17.45
N THR A 413 -1.67 -8.05 -17.28
CA THR A 413 -1.64 -9.17 -16.34
C THR A 413 -1.92 -10.55 -16.92
N GLY A 414 -2.50 -10.62 -18.11
CA GLY A 414 -2.92 -11.91 -18.66
C GLY A 414 -4.24 -12.42 -18.13
N LEU A 415 -4.88 -11.65 -17.23
CA LEU A 415 -6.13 -12.08 -16.58
C LEU A 415 -7.27 -11.12 -16.79
N ASP A 416 -8.46 -11.58 -16.44
CA ASP A 416 -9.67 -10.82 -16.53
C ASP A 416 -9.77 -9.84 -15.36
N PHE A 417 -10.05 -8.58 -15.67
CA PHE A 417 -10.14 -7.49 -14.68
C PHE A 417 -11.22 -7.78 -13.65
N ASP A 418 -12.41 -8.18 -14.09
CA ASP A 418 -13.47 -8.45 -13.12
C ASP A 418 -13.12 -9.64 -12.22
N ASP A 419 -12.44 -10.68 -12.73
CA ASP A 419 -11.94 -11.75 -11.89
C ASP A 419 -10.97 -11.18 -10.83
N PHE A 420 -10.05 -10.35 -11.27
CA PHE A 420 -9.00 -9.86 -10.36
C PHE A 420 -9.61 -8.96 -9.28
N MET A 421 -10.65 -8.22 -9.63
CA MET A 421 -11.34 -7.34 -8.66
C MET A 421 -11.95 -8.14 -7.50
N LYS A 422 -12.26 -9.42 -7.73
CA LYS A 422 -12.79 -10.28 -6.66
C LYS A 422 -11.75 -10.58 -5.59
N ILE A 423 -10.50 -10.20 -5.82
CA ILE A 423 -9.48 -10.34 -4.76
C ILE A 423 -9.95 -9.61 -3.50
N ASP A 424 -10.80 -8.61 -3.66
CA ASP A 424 -11.32 -7.78 -2.55
C ASP A 424 -12.33 -8.50 -1.65
N LEU A 425 -12.78 -9.71 -2.01
CA LEU A 425 -14.02 -10.23 -1.45
C LEU A 425 -14.12 -10.30 0.08
N ALA A 426 -13.02 -10.59 0.76
CA ALA A 426 -13.07 -10.67 2.22
C ALA A 426 -13.38 -9.36 2.90
N ASN A 427 -13.36 -8.26 2.18
CA ASN A 427 -13.80 -6.96 2.69
C ASN A 427 -15.18 -6.52 2.22
N LEU A 428 -15.71 -7.21 1.22
CA LEU A 428 -16.93 -6.75 0.55
C LEU A 428 -18.19 -7.33 1.16
N LEU A 429 -18.41 -7.07 2.44
CA LEU A 429 -19.61 -7.59 3.08
C LEU A 429 -20.82 -7.04 2.36
N PRO A 430 -21.84 -7.88 2.16
CA PRO A 430 -23.01 -7.37 1.45
C PRO A 430 -23.67 -6.18 2.14
N ASP A 431 -24.04 -5.21 1.32
CA ASP A 431 -24.80 -4.04 1.71
C ASP A 431 -24.05 -2.96 2.48
N LEU A 432 -22.72 -3.08 2.62
CA LEU A 432 -21.94 -1.95 3.12
C LEU A 432 -22.11 -0.77 2.16
N PRO A 433 -22.21 0.46 2.69
CA PRO A 433 -22.16 1.63 1.81
C PRO A 433 -20.83 1.71 1.09
N ASP A 434 -20.84 1.98 -0.21
CA ASP A 434 -19.61 1.84 -0.99
C ASP A 434 -18.61 2.96 -0.77
N ASN A 435 -19.01 4.04 -0.10
CA ASN A 435 -18.18 5.22 0.05
C ASN A 435 -17.52 5.34 1.43
N LEU A 436 -17.57 4.27 2.22
CA LEU A 436 -16.95 4.25 3.54
C LEU A 436 -15.69 3.41 3.50
N SER A 437 -14.59 4.00 3.94
CA SER A 437 -13.26 3.41 3.79
C SER A 437 -12.80 2.60 4.99
N GLY A 438 -11.88 1.69 4.72
CA GLY A 438 -11.16 1.00 5.78
C GLY A 438 -11.89 -0.13 6.48
N ILE A 439 -13.05 -0.51 5.98
CA ILE A 439 -13.85 -1.57 6.64
C ILE A 439 -13.23 -2.91 6.28
N ASN A 440 -12.62 -3.53 7.30
CA ASN A 440 -11.64 -4.60 7.09
C ASN A 440 -11.84 -5.89 7.87
N PRO A 441 -13.01 -6.50 7.71
CA PRO A 441 -13.28 -7.74 8.42
C PRO A 441 -12.35 -8.90 8.05
N ASN A 442 -11.72 -8.84 6.87
CA ASN A 442 -10.67 -9.78 6.52
C ASN A 442 -9.69 -9.98 7.64
N ARG A 443 -9.38 -8.86 8.31
CA ARG A 443 -8.28 -8.84 9.28
C ARG A 443 -8.76 -9.05 10.69
N TYR A 444 -9.82 -8.36 11.09
CA TYR A 444 -10.25 -8.43 12.47
C TYR A 444 -11.04 -9.70 12.79
N VAL A 445 -11.75 -10.25 11.81
CA VAL A 445 -12.38 -11.57 12.03
C VAL A 445 -11.33 -12.66 12.16
N LEU A 446 -10.22 -12.53 11.45
CA LEU A 446 -9.14 -13.47 11.57
C LEU A 446 -8.47 -13.41 12.93
N TYR A 447 -8.04 -12.21 13.33
CA TYR A 447 -7.18 -12.10 14.49
C TYR A 447 -7.90 -11.99 15.82
N GLN A 448 -9.21 -11.80 15.85
CA GLN A 448 -9.87 -11.71 17.16
C GLN A 448 -9.78 -13.05 17.87
N ASP A 449 -9.83 -13.01 19.18
CA ASP A 449 -9.80 -14.23 19.97
C ASP A 449 -11.07 -15.05 19.79
N VAL A 450 -10.99 -16.33 20.19
CA VAL A 450 -12.18 -17.20 20.17
C VAL A 450 -12.95 -17.18 21.49
N LEU A 451 -12.25 -17.31 22.61
CA LEU A 451 -12.89 -17.22 23.92
C LEU A 451 -13.35 -15.81 24.31
N CYS A 452 -12.58 -14.80 23.90
CA CYS A 452 -12.83 -13.40 24.25
C CYS A 452 -12.92 -12.58 22.97
N PRO A 453 -13.95 -12.79 22.15
CA PRO A 453 -13.97 -12.22 20.81
C PRO A 453 -14.34 -10.74 20.81
N LEU A 454 -13.33 -9.87 20.78
CA LEU A 454 -13.58 -8.47 21.00
C LEU A 454 -14.38 -7.77 19.91
N LEU A 455 -14.39 -8.33 18.70
CA LEU A 455 -15.11 -7.78 17.57
C LEU A 455 -16.46 -8.44 17.35
N GLU A 456 -16.92 -9.23 18.30
CA GLU A 456 -18.08 -10.09 18.04
C GLU A 456 -19.35 -9.31 17.71
N GLN A 457 -19.54 -8.14 18.30
CA GLN A 457 -20.78 -7.37 18.05
C GLN A 457 -20.76 -6.68 16.70
N HIS A 458 -19.60 -6.67 16.02
CA HIS A 458 -19.48 -6.11 14.69
C HIS A 458 -19.61 -7.14 13.58
N ILE A 459 -19.97 -8.37 13.94
CA ILE A 459 -20.10 -9.47 13.02
C ILE A 459 -21.58 -9.86 12.95
N ARG A 460 -22.08 -10.03 11.73
CA ARG A 460 -23.40 -10.63 11.50
C ARG A 460 -23.15 -12.12 11.28
N PRO A 461 -23.43 -12.93 12.28
CA PRO A 461 -22.92 -14.29 12.25
C PRO A 461 -23.45 -15.25 11.18
N GLU A 462 -24.65 -15.00 10.66
CA GLU A 462 -25.14 -15.78 9.53
C GLU A 462 -24.81 -15.10 8.21
N LYS A 463 -25.15 -13.82 8.08
CA LYS A 463 -24.94 -13.07 6.83
C LYS A 463 -23.47 -13.05 6.42
N ASP A 464 -22.60 -12.69 7.37
CA ASP A 464 -21.18 -12.58 7.03
C ASP A 464 -20.54 -13.93 6.73
N LYS A 465 -20.86 -14.95 7.54
CA LYS A 465 -20.40 -16.31 7.31
C LYS A 465 -20.76 -16.80 5.90
N GLN A 466 -22.00 -16.57 5.50
CA GLN A 466 -22.42 -16.98 4.16
C GLN A 466 -21.66 -16.23 3.08
N HIS A 467 -21.40 -14.94 3.30
CA HIS A 467 -20.59 -14.19 2.36
C HIS A 467 -19.19 -14.78 2.20
N PHE A 468 -18.52 -15.02 3.32
CA PHE A 468 -17.17 -15.60 3.27
C PHE A 468 -17.15 -16.99 2.60
N ALA A 469 -18.15 -17.83 2.91
CA ALA A 469 -18.21 -19.18 2.32
C ALA A 469 -18.39 -19.08 0.81
N SER A 470 -19.27 -18.19 0.36
CA SER A 470 -19.50 -17.99 -1.08
C SER A 470 -18.24 -17.47 -1.76
N SER A 471 -17.59 -16.52 -1.08
CA SER A 471 -16.38 -15.90 -1.60
C SER A 471 -15.26 -16.90 -1.78
N ALA A 472 -15.12 -17.83 -0.85
CA ALA A 472 -14.09 -18.85 -0.93
C ALA A 472 -14.29 -19.71 -2.17
N GLN A 473 -15.54 -20.07 -2.44
CA GLN A 473 -15.88 -20.84 -3.63
C GLN A 473 -15.52 -20.08 -4.91
N GLN A 474 -15.90 -18.80 -4.97
CA GLN A 474 -15.62 -17.97 -6.14
C GLN A 474 -14.13 -17.82 -6.39
N LEU A 475 -13.38 -17.56 -5.33
CA LEU A 475 -11.94 -17.40 -5.46
C LEU A 475 -11.19 -18.70 -5.81
N GLY A 476 -11.71 -19.82 -5.32
CA GLY A 476 -11.19 -21.14 -5.66
C GLY A 476 -11.26 -21.36 -7.16
N GLU A 477 -12.34 -20.92 -7.79
CA GLU A 477 -12.47 -21.06 -9.25
C GLU A 477 -11.55 -20.09 -9.99
N ILE A 478 -11.43 -18.87 -9.50
CA ILE A 478 -10.55 -17.90 -10.14
C ILE A 478 -9.09 -18.37 -10.09
N SER A 479 -8.68 -18.94 -8.97
CA SER A 479 -7.31 -19.33 -8.80
C SER A 479 -6.88 -20.37 -9.86
N LYS A 480 -7.84 -21.17 -10.32
CA LYS A 480 -7.55 -22.21 -11.31
C LYS A 480 -7.25 -21.65 -12.68
N ARG A 481 -7.65 -20.42 -12.93
CA ARG A 481 -7.42 -19.75 -14.20
C ARG A 481 -6.55 -18.50 -14.08
N ALA A 482 -5.84 -18.33 -12.96
CA ALA A 482 -5.10 -17.08 -12.71
C ALA A 482 -3.62 -17.16 -13.03
N GLY A 483 -3.17 -18.28 -13.56
CA GLY A 483 -1.79 -18.42 -14.01
C GLY A 483 -0.77 -18.10 -12.92
N GLU A 484 0.16 -17.21 -13.23
CA GLU A 484 1.25 -16.90 -12.32
C GLU A 484 0.78 -16.04 -11.14
N TYR A 485 -0.45 -15.53 -11.19
CA TYR A 485 -1.01 -14.81 -10.01
C TYR A 485 -1.90 -15.73 -9.18
N ALA A 486 -2.01 -17.02 -9.53
CA ALA A 486 -2.89 -17.91 -8.78
C ALA A 486 -2.63 -17.86 -7.28
N TYR A 487 -1.36 -17.73 -6.90
CA TYR A 487 -0.98 -17.81 -5.49
C TYR A 487 -1.70 -16.76 -4.65
N ILE A 488 -1.93 -15.58 -5.20
CA ILE A 488 -2.59 -14.54 -4.42
C ILE A 488 -4.09 -14.82 -4.24
N PHE A 489 -4.71 -15.47 -5.22
CA PHE A 489 -6.10 -15.85 -5.11
C PHE A 489 -6.28 -17.05 -4.22
N GLU A 490 -5.32 -17.97 -4.22
CA GLU A 490 -5.32 -19.11 -3.29
C GLU A 490 -5.27 -18.64 -1.84
N THR A 491 -4.41 -17.65 -1.57
CA THR A 491 -4.40 -17.07 -0.22
C THR A 491 -5.78 -16.54 0.18
N GLN A 492 -6.41 -15.77 -0.72
CA GLN A 492 -7.73 -15.23 -0.44
C GLN A 492 -8.82 -16.30 -0.33
N ALA A 493 -8.76 -17.34 -1.16
CA ALA A 493 -9.74 -18.41 -1.06
C ALA A 493 -9.66 -19.10 0.32
N GLN A 494 -8.45 -19.38 0.77
CA GLN A 494 -8.23 -19.97 2.09
C GLN A 494 -8.68 -19.06 3.22
N LEU A 495 -8.38 -17.76 3.10
CA LEU A 495 -8.78 -16.85 4.14
C LEU A 495 -10.29 -16.80 4.27
N ASN A 496 -10.98 -16.65 3.15
CA ASN A 496 -12.43 -16.58 3.21
C ASN A 496 -13.04 -17.83 3.85
N ALA A 497 -12.55 -19.02 3.44
CA ALA A 497 -13.03 -20.27 4.03
C ALA A 497 -12.80 -20.34 5.53
N LEU A 498 -11.62 -19.89 5.95
CA LEU A 498 -11.23 -19.83 7.37
C LEU A 498 -12.15 -18.92 8.17
N LEU A 499 -12.41 -17.73 7.63
CA LEU A 499 -13.26 -16.75 8.31
C LEU A 499 -14.67 -17.28 8.52
N ALA A 500 -15.18 -18.01 7.52
CA ALA A 500 -16.53 -18.54 7.67
C ALA A 500 -16.60 -19.55 8.83
N LEU A 501 -15.65 -20.46 8.89
CA LEU A 501 -15.63 -21.46 9.96
C LEU A 501 -15.34 -20.81 11.32
N LYS A 502 -14.43 -19.82 11.33
CA LYS A 502 -14.11 -19.15 12.60
C LYS A 502 -15.31 -18.44 13.19
N ILE A 503 -16.14 -17.83 12.33
CA ILE A 503 -17.38 -17.20 12.76
C ILE A 503 -18.35 -18.26 13.32
N SER A 504 -18.52 -19.34 12.57
CA SER A 504 -19.40 -20.44 12.99
C SER A 504 -19.05 -20.93 14.39
N ILE A 505 -17.77 -21.19 14.62
CA ILE A 505 -17.29 -21.67 15.90
C ILE A 505 -17.42 -20.60 16.98
N THR A 506 -16.96 -19.37 16.71
CA THR A 506 -16.95 -18.36 17.75
C THR A 506 -18.35 -17.99 18.21
N SER A 507 -19.22 -17.75 17.25
CA SER A 507 -20.59 -17.38 17.56
C SER A 507 -21.32 -18.59 18.14
N GLY A 508 -20.97 -19.77 17.67
CA GLY A 508 -21.57 -21.02 18.15
C GLY A 508 -21.26 -21.32 19.60
N ILE A 509 -20.04 -21.01 20.01
CA ILE A 509 -19.65 -21.13 21.40
C ILE A 509 -20.42 -20.12 22.27
N GLN A 510 -20.54 -18.87 21.81
CA GLN A 510 -21.25 -17.82 22.57
C GLN A 510 -22.70 -18.28 22.86
N LYS A 511 -23.34 -18.86 21.85
CA LYS A 511 -24.72 -19.31 21.97
C LYS A 511 -24.83 -20.60 22.77
N ALA A 512 -24.02 -21.59 22.48
CA ALA A 512 -24.10 -22.86 23.20
C ALA A 512 -23.81 -22.64 24.69
N TYR A 513 -22.78 -21.85 24.99
CA TYR A 513 -22.47 -21.58 26.40
C TYR A 513 -23.60 -20.81 27.10
N ARG A 514 -24.12 -19.77 26.46
CA ARG A 514 -25.25 -18.98 26.98
C ARG A 514 -26.41 -19.86 27.42
N ASN A 515 -26.65 -20.90 26.62
CA ASN A 515 -27.80 -21.77 26.81
C ASN A 515 -27.45 -23.06 27.52
N GLY A 516 -26.21 -23.17 27.99
CA GLY A 516 -25.78 -24.30 28.80
C GLY A 516 -25.71 -25.59 28.02
N ASP A 517 -25.56 -25.49 26.71
CA ASP A 517 -25.63 -26.64 25.81
C ASP A 517 -24.26 -27.30 25.68
N LYS A 518 -23.93 -28.14 26.65
CA LYS A 518 -22.63 -28.80 26.69
C LYS A 518 -22.43 -29.79 25.54
N GLU A 519 -23.52 -30.37 25.03
CA GLU A 519 -23.41 -31.28 23.88
C GLU A 519 -22.93 -30.60 22.62
N HIS A 520 -23.49 -29.43 22.30
CA HIS A 520 -23.06 -28.69 21.12
C HIS A 520 -21.61 -28.27 21.31
N LEU A 521 -21.24 -27.89 22.53
CA LEU A 521 -19.85 -27.51 22.82
C LEU A 521 -18.93 -28.71 22.59
N SER A 522 -19.37 -29.92 22.95
CA SER A 522 -18.55 -31.11 22.74
C SER A 522 -18.31 -31.40 21.25
N ALA A 523 -19.36 -31.23 20.43
CA ALA A 523 -19.24 -31.36 18.99
C ALA A 523 -18.21 -30.37 18.44
N LEU A 524 -18.32 -29.11 18.87
CA LEU A 524 -17.36 -28.07 18.44
C LEU A 524 -15.93 -28.47 18.82
N ALA A 525 -15.74 -28.85 20.08
CA ALA A 525 -14.43 -29.25 20.59
C ALA A 525 -13.82 -30.44 19.84
N GLU A 526 -14.66 -31.43 19.51
CA GLU A 526 -14.15 -32.66 18.93
C GLU A 526 -13.89 -32.57 17.42
N LYS A 527 -14.74 -31.83 16.71
CA LYS A 527 -14.70 -31.79 15.25
C LYS A 527 -14.25 -30.43 14.69
N ASP A 528 -14.97 -29.38 15.05
CA ASP A 528 -14.77 -28.08 14.39
C ASP A 528 -13.45 -27.44 14.78
N PHE A 529 -13.06 -27.54 16.05
CA PHE A 529 -11.78 -26.96 16.50
C PHE A 529 -10.54 -27.52 15.79
N PRO A 530 -10.40 -28.86 15.72
CA PRO A 530 -9.31 -29.39 14.91
C PRO A 530 -9.32 -28.94 13.44
N GLN A 531 -10.50 -28.82 12.85
CA GLN A 531 -10.62 -28.32 11.48
C GLN A 531 -10.11 -26.88 11.38
N LEU A 532 -10.57 -26.03 12.29
CA LEU A 532 -10.14 -24.63 12.30
C LEU A 532 -8.63 -24.52 12.48
N TYR A 533 -8.10 -25.27 13.44
CA TYR A 533 -6.67 -25.24 13.70
C TYR A 533 -5.89 -25.60 12.45
N GLN A 534 -6.29 -26.69 11.77
CA GLN A 534 -5.65 -27.08 10.54
C GLN A 534 -5.76 -26.03 9.44
N MET A 535 -6.92 -25.37 9.33
CA MET A 535 -7.11 -24.34 8.30
C MET A 535 -6.20 -23.14 8.57
N VAL A 536 -6.04 -22.78 9.83
CA VAL A 536 -5.09 -21.70 10.17
C VAL A 536 -3.66 -22.10 9.85
N GLU A 537 -3.24 -23.33 10.19
CA GLU A 537 -1.90 -23.78 9.84
C GLU A 537 -1.69 -23.76 8.32
N ASP A 538 -2.69 -24.24 7.58
CA ASP A 538 -2.59 -24.27 6.13
C ASP A 538 -2.54 -22.85 5.57
N PHE A 539 -3.31 -21.95 6.16
CA PHE A 539 -3.29 -20.54 5.73
C PHE A 539 -1.94 -19.92 5.97
N SER A 540 -1.36 -20.17 7.13
CA SER A 540 -0.02 -19.64 7.40
CA SER A 540 -0.01 -19.69 7.41
C SER A 540 0.99 -20.17 6.36
N ASP A 541 0.87 -21.43 5.96
CA ASP A 541 1.78 -21.98 4.98
C ASP A 541 1.61 -21.29 3.63
N GLN A 542 0.35 -21.06 3.23
CA GLN A 542 0.06 -20.40 1.95
C GLN A 542 0.54 -18.94 1.98
N PHE A 543 0.24 -18.28 3.08
CA PHE A 543 0.68 -16.90 3.19
C PHE A 543 2.20 -16.80 3.11
N SER A 544 2.89 -17.76 3.74
CA SER A 544 4.34 -17.78 3.71
CA SER A 544 4.36 -17.85 3.71
C SER A 544 4.87 -17.95 2.26
N ARG A 545 4.19 -18.77 1.47
CA ARG A 545 4.54 -18.90 0.05
C ARG A 545 4.38 -17.57 -0.67
N GLN A 546 3.26 -16.90 -0.42
CA GLN A 546 3.00 -15.59 -1.02
C GLN A 546 4.06 -14.57 -0.63
N TRP A 547 4.34 -14.51 0.66
CA TRP A 547 5.36 -13.58 1.16
C TRP A 547 6.69 -13.79 0.50
N GLN A 548 7.13 -15.05 0.44
CA GLN A 548 8.47 -15.34 -0.06
C GLN A 548 8.60 -15.12 -1.56
N GLN A 549 7.49 -15.23 -2.27
CA GLN A 549 7.48 -14.85 -3.68
C GLN A 549 7.78 -13.37 -3.90
N GLU A 550 7.21 -12.53 -3.02
CA GLU A 550 7.15 -11.09 -3.25
C GLU A 550 8.18 -10.24 -2.50
N ASN A 551 8.55 -10.69 -1.31
CA ASN A 551 9.30 -9.89 -0.34
C ASN A 551 10.58 -10.56 0.08
N LYS A 552 11.48 -9.82 0.69
CA LYS A 552 12.60 -10.39 1.40
C LYS A 552 12.09 -11.17 2.61
N ILE A 553 12.92 -12.05 3.18
CA ILE A 553 12.47 -12.86 4.31
C ILE A 553 12.21 -12.05 5.59
N PHE A 554 12.94 -10.95 5.75
CA PHE A 554 12.84 -10.15 6.97
C PHE A 554 11.45 -9.56 7.08
N GLY A 555 10.85 -9.61 8.24
CA GLY A 555 9.47 -9.17 8.42
C GLY A 555 8.44 -10.26 8.49
N LEU A 556 8.70 -11.42 7.86
CA LEU A 556 7.79 -12.55 7.96
C LEU A 556 7.68 -13.01 9.41
N ASP A 557 8.76 -12.81 10.16
CA ASP A 557 8.76 -13.15 11.58
C ASP A 557 7.60 -12.56 12.39
N THR A 558 7.24 -11.30 12.16
CA THR A 558 6.10 -10.74 12.87
C THR A 558 4.82 -11.50 12.60
N ILE A 559 4.63 -11.90 11.35
CA ILE A 559 3.43 -12.67 11.00
C ILE A 559 3.49 -14.10 11.59
N ASP A 560 4.68 -14.67 11.65
CA ASP A 560 4.85 -15.93 12.40
C ASP A 560 4.38 -15.78 13.85
N ILE A 561 4.71 -14.66 14.47
CA ILE A 561 4.33 -14.41 15.86
C ILE A 561 2.82 -14.30 15.98
N ARG A 562 2.19 -13.52 15.09
CA ARG A 562 0.77 -13.30 15.14
C ARG A 562 0.00 -14.62 14.86
N PHE A 563 0.39 -15.37 13.83
CA PHE A 563 -0.26 -16.66 13.53
C PHE A 563 0.01 -17.68 14.62
N GLY A 564 1.23 -17.74 15.10
CA GLY A 564 1.55 -18.63 16.21
C GLY A 564 0.71 -18.37 17.43
N GLY A 565 0.54 -17.09 17.76
CA GLY A 565 -0.31 -16.74 18.85
C GLY A 565 -1.77 -17.10 18.65
N LEU A 566 -2.29 -16.84 17.45
CA LEU A 566 -3.66 -17.24 17.13
C LEU A 566 -3.86 -18.75 17.29
N LEU A 567 -2.92 -19.50 16.75
CA LEU A 567 -2.98 -20.98 16.89
C LEU A 567 -3.05 -21.38 18.36
N LYS A 568 -2.19 -20.80 19.21
CA LYS A 568 -2.17 -21.16 20.61
C LYS A 568 -3.45 -20.77 21.32
N ARG A 569 -4.04 -19.64 20.92
CA ARG A 569 -5.34 -19.23 21.46
C ARG A 569 -6.49 -20.15 21.04
N ILE A 570 -6.41 -20.68 19.83
CA ILE A 570 -7.39 -21.67 19.37
C ILE A 570 -7.28 -22.94 20.20
N LYS A 571 -6.06 -23.39 20.44
CA LYS A 571 -5.80 -24.54 21.32
C LYS A 571 -6.33 -24.28 22.74
N ARG A 572 -6.11 -23.07 23.26
CA ARG A 572 -6.63 -22.74 24.58
C ARG A 572 -8.14 -22.84 24.64
N ALA A 573 -8.81 -22.33 23.62
CA ALA A 573 -10.27 -22.33 23.56
C ALA A 573 -10.77 -23.78 23.61
N GLN A 574 -10.14 -24.65 22.82
CA GLN A 574 -10.52 -26.08 22.83
C GLN A 574 -10.34 -26.67 24.22
N GLU A 575 -9.17 -26.43 24.85
CA GLU A 575 -8.88 -27.01 26.15
C GLU A 575 -9.82 -26.51 27.24
N ARG A 576 -10.08 -25.20 27.26
CA ARG A 576 -10.99 -24.63 28.26
C ARG A 576 -12.40 -25.23 28.10
N LEU A 577 -12.88 -25.35 26.88
CA LEU A 577 -14.19 -25.97 26.66
C LEU A 577 -14.19 -27.43 27.11
N GLU A 578 -13.12 -28.15 26.80
CA GLU A 578 -13.03 -29.57 27.20
C GLU A 578 -13.12 -29.73 28.72
N GLN A 579 -12.43 -28.85 29.46
CA GLN A 579 -12.46 -28.88 30.91
C GLN A 579 -13.82 -28.53 31.48
N PHE A 580 -14.55 -27.65 30.80
CA PHE A 580 -15.90 -27.31 31.21
C PHE A 580 -16.85 -28.49 30.96
N ILE A 581 -16.74 -29.08 29.78
CA ILE A 581 -17.58 -30.23 29.41
C ILE A 581 -17.36 -31.39 30.38
N SER A 582 -16.10 -31.69 30.68
CA SER A 582 -15.74 -32.80 31.58
C SER A 582 -16.13 -32.54 33.05
N GLY A 583 -16.25 -31.28 33.43
CA GLY A 583 -16.54 -30.91 34.81
C GLY A 583 -15.32 -30.54 35.63
N GLN A 584 -14.15 -30.52 34.98
CA GLN A 584 -12.91 -30.13 35.64
C GLN A 584 -12.97 -28.67 36.11
N ILE A 585 -13.71 -27.84 35.38
CA ILE A 585 -14.03 -26.48 35.83
C ILE A 585 -15.53 -26.23 35.80
N ASP A 586 -16.01 -25.40 36.71
CA ASP A 586 -17.46 -25.14 36.85
C ASP A 586 -18.01 -24.13 35.86
N CYS A 587 -17.13 -23.30 35.32
CA CYS A 587 -17.54 -22.28 34.35
C CYS A 587 -16.34 -21.87 33.53
N VAL A 588 -16.62 -21.20 32.42
CA VAL A 588 -15.56 -20.59 31.58
C VAL A 588 -15.74 -19.09 31.71
N GLU A 589 -14.94 -18.48 32.58
CA GLU A 589 -15.17 -17.09 32.97
C GLU A 589 -15.12 -16.15 31.75
N GLU A 590 -14.27 -16.46 30.79
CA GLU A 590 -14.20 -15.72 29.54
C GLU A 590 -15.57 -15.57 28.87
N LEU A 591 -16.32 -16.67 28.85
CA LEU A 591 -17.61 -16.72 28.18
C LEU A 591 -18.74 -16.11 29.01
N GLU A 592 -18.48 -15.82 30.28
CA GLU A 592 -19.44 -15.13 31.14
C GLU A 592 -19.39 -13.60 31.03
N GLN A 593 -18.41 -13.04 30.34
CA GLN A 593 -18.30 -11.58 30.27
C GLN A 593 -19.25 -11.00 29.26
N GLU A 594 -19.84 -9.85 29.58
CA GLU A 594 -20.67 -9.10 28.62
C GLU A 594 -19.71 -8.47 27.60
N ILE A 595 -19.98 -8.68 26.33
CA ILE A 595 -19.16 -8.09 25.26
C ILE A 595 -19.76 -6.73 24.96
N LEU A 596 -18.89 -5.79 24.63
CA LEU A 596 -19.23 -4.43 24.32
C LEU A 596 -18.81 -4.13 22.89
N PRO A 597 -19.29 -2.99 22.32
CA PRO A 597 -18.74 -2.57 21.03
C PRO A 597 -17.22 -2.40 21.12
N PHE A 598 -16.52 -2.73 20.04
CA PHE A 598 -15.07 -2.58 20.00
C PHE A 598 -14.65 -1.15 19.81
N ASN A 599 -15.31 -0.47 18.89
CA ASN A 599 -15.09 0.96 18.65
C ASN A 599 -16.37 1.57 18.11
N ASP A 600 -16.38 2.90 18.04
CA ASP A 600 -17.52 3.65 17.52
C ASP A 600 -17.18 4.45 16.26
N PHE A 601 -16.17 4.02 15.51
CA PHE A 601 -15.71 4.76 14.33
C PHE A 601 -16.84 5.01 13.32
N TYR A 602 -17.72 4.02 13.15
CA TYR A 602 -18.82 4.12 12.20
C TYR A 602 -20.20 4.10 12.87
N LYS A 603 -20.23 4.45 14.14
CA LYS A 603 -21.48 4.56 14.88
C LYS A 603 -22.40 5.60 14.24
N ASP A 604 -21.83 6.73 13.81
CA ASP A 604 -22.67 7.80 13.25
C ASP A 604 -23.29 7.43 11.91
N GLN A 605 -22.71 6.44 11.23
CA GLN A 605 -23.26 5.92 9.98
C GLN A 605 -24.16 4.72 10.18
N GLY A 606 -24.28 4.24 11.41
CA GLY A 606 -25.16 3.13 11.72
C GLY A 606 -24.68 1.76 11.30
N LEU A 607 -23.38 1.60 11.09
CA LEU A 607 -22.87 0.34 10.62
C LEU A 607 -22.72 -0.66 11.75
N THR A 608 -22.84 -1.93 11.40
CA THR A 608 -22.40 -3.05 12.26
C THR A 608 -20.91 -3.38 12.09
N ALA A 609 -20.45 -3.54 10.86
CA ALA A 609 -19.00 -3.70 10.63
C ALA A 609 -18.25 -2.43 11.01
N THR A 610 -16.92 -2.52 11.11
CA THR A 610 -16.13 -1.35 11.43
C THR A 610 -14.76 -1.42 10.79
N THR A 611 -13.88 -0.50 11.16
CA THR A 611 -12.49 -0.54 10.80
C THR A 611 -11.68 -0.80 12.08
N ALA A 612 -10.81 -1.81 12.04
CA ALA A 612 -9.95 -2.12 13.17
C ALA A 612 -8.66 -2.61 12.60
N ASN A 613 -7.61 -1.81 12.70
CA ASN A 613 -6.41 -2.06 11.95
C ASN A 613 -5.13 -2.05 12.77
N GLN A 614 -5.24 -2.41 14.05
CA GLN A 614 -4.06 -2.63 14.89
C GLN A 614 -4.13 -4.01 15.53
N TRP A 615 -3.24 -4.89 15.09
CA TRP A 615 -3.29 -6.30 15.52
C TRP A 615 -3.34 -6.40 17.02
N HIS A 616 -2.48 -5.66 17.72
CA HIS A 616 -2.35 -5.87 19.14
C HIS A 616 -3.60 -5.49 19.93
N LEU A 617 -4.45 -4.64 19.35
CA LEU A 617 -5.70 -4.25 19.98
C LEU A 617 -6.84 -5.20 19.63
N ILE A 618 -6.73 -5.85 18.48
CA ILE A 618 -7.74 -6.86 18.07
C ILE A 618 -7.57 -8.16 18.86
N ALA A 619 -6.33 -8.57 19.08
CA ALA A 619 -6.02 -9.92 19.57
C ALA A 619 -6.27 -10.13 21.04
N THR A 620 -6.20 -9.07 21.83
CA THR A 620 -6.34 -9.17 23.28
C THR A 620 -6.64 -7.81 23.90
N ALA A 621 -7.39 -7.84 25.00
CA ALA A 621 -7.57 -6.67 25.84
C ALA A 621 -6.46 -6.53 26.87
N SER A 622 -5.67 -7.58 27.04
CA SER A 622 -4.57 -7.58 28.00
C SER A 622 -3.48 -6.66 27.48
N THR A 623 -2.57 -6.27 28.37
CA THR A 623 -1.38 -5.58 27.92
C THR A 623 -0.48 -6.56 27.17
N ILE A 624 0.19 -6.06 26.14
CA ILE A 624 1.14 -6.90 25.40
C ILE A 624 2.40 -6.13 25.00
N TYR A 625 2.29 -4.83 24.72
CA TYR A 625 3.47 -4.01 24.39
CA TYR A 625 3.52 -4.06 24.41
C TYR A 625 3.88 -3.13 25.56
N THR A 626 2.91 -2.77 26.40
CA THR A 626 3.19 -1.83 27.47
C THR A 626 3.84 -2.50 28.67
N THR A 627 4.50 -1.68 29.49
CA THR A 627 5.20 -2.14 30.66
C THR A 627 4.28 -2.04 31.86
S SO4 B . 2.44 14.33 -21.75
O1 SO4 B . 1.74 15.50 -22.32
O2 SO4 B . 2.23 13.12 -22.53
O3 SO4 B . 3.87 14.59 -21.74
O4 SO4 B . 1.97 14.09 -20.38
S SO4 C . -12.96 4.95 -27.96
O1 SO4 C . -11.93 5.97 -27.84
O2 SO4 C . -12.38 3.62 -27.87
O3 SO4 C . -13.94 5.12 -26.89
O4 SO4 C . -13.63 5.11 -29.25
S SO4 D . -27.35 -12.34 11.22
O1 SO4 D . -28.54 -12.16 10.38
O2 SO4 D . -26.27 -12.66 10.35
O3 SO4 D . -27.13 -11.12 11.99
O4 SO4 D . -27.53 -13.45 12.12
S SO4 E . -29.89 -8.10 5.70
O1 SO4 E . -31.15 -7.48 5.26
O2 SO4 E . -29.00 -7.06 6.21
O3 SO4 E . -30.19 -9.10 6.71
O4 SO4 E . -29.26 -8.70 4.54
S SO4 F . 10.04 4.66 24.34
O1 SO4 F . 9.41 5.10 23.11
O2 SO4 F . 11.37 4.12 24.07
O3 SO4 F . 10.16 5.78 25.27
O4 SO4 F . 9.22 3.61 24.94
S SO4 G . 28.38 3.65 -7.01
O1 SO4 G . 27.90 5.03 -7.16
O2 SO4 G . 29.81 3.66 -6.70
O3 SO4 G . 27.66 3.00 -5.92
O4 SO4 G . 28.14 2.89 -8.24
S SO4 H . -18.32 -4.28 -9.57
O1 SO4 H . -19.51 -4.74 -10.27
O2 SO4 H . -18.65 -3.14 -8.72
O3 SO4 H . -17.84 -5.37 -8.70
O4 SO4 H . -17.32 -3.93 -10.57
S SO4 I . -5.90 -29.45 17.73
O1 SO4 I . -6.64 -28.20 17.63
O2 SO4 I . -5.88 -30.13 16.43
O3 SO4 I . -4.54 -29.20 18.18
O4 SO4 I . -6.59 -30.31 18.70
C1 GOL J . 3.52 -12.10 -18.81
O1 GOL J . 4.52 -12.85 -18.18
C2 GOL J . 2.24 -12.27 -18.02
O2 GOL J . 2.45 -11.81 -16.71
C3 GOL J . 1.11 -11.50 -18.66
O3 GOL J . 0.77 -12.06 -19.90
#